data_3IOF
#
_entry.id   3IOF
#
_cell.length_a   42.650
_cell.length_b   100.660
_cell.length_c   116.990
_cell.angle_alpha   90.00
_cell.angle_beta   90.00
_cell.angle_gamma   90.00
#
_symmetry.space_group_name_H-M   'C 2 2 21'
#
loop_
_entity.id
_entity.type
_entity.pdbx_description
1 polymer Beta-lactamase
2 non-polymer 'ZINC ION'
3 non-polymer 'bis(1-methylethyl) [2-(sulfanylmethyl)phenyl]phosphonate'
4 non-polymer 'SULFATE ION'
5 non-polymer GLYCEROL
6 water water
#
_entity_poly.entity_id   1
_entity_poly.type   'polypeptide(L)'
_entity_poly.pdbx_seq_one_letter_code
;AGMSLTQVSGPVYVVEDNYYVQENSMVYFGAKGVTVVGATWTPDTARELHKLIKRVSRKPVLEVINTNYHTDRAGGNAYW
KSIGAKVVSTRQTRDLMKSDWAEIVAFTRKGLPEYPDLPLVLPNVVHDGDFTLQEGKVRAFYAGPAHTPDGIFVYFPDEQ
VLYGGCILKEKLGNLSFADVKAYPQTLERLKAMKLPIKTVIGGHDSPLHGPELIDHYEALIKAAPQS
;
_entity_poly.pdbx_strand_id   A
#
# COMPACT_ATOMS: atom_id res chain seq x y z
N ALA A 1 2.33 3.41 20.47
CA ALA A 1 0.99 3.96 20.10
C ALA A 1 0.29 3.01 19.14
N GLY A 2 -1.01 3.22 18.96
CA GLY A 2 -1.80 2.43 17.99
C GLY A 2 -1.33 2.65 16.57
N MET A 3 -0.80 3.84 16.32
CA MET A 3 -0.28 4.18 15.01
C MET A 3 0.80 5.20 15.17
N SER A 4 1.85 5.07 14.36
CA SER A 4 2.94 6.01 14.33
C SER A 4 3.16 6.50 12.92
N LEU A 5 3.70 7.71 12.83
CA LEU A 5 4.05 8.38 11.59
C LEU A 5 5.45 8.92 11.77
N THR A 6 6.41 8.36 11.02
CA THR A 6 7.83 8.63 11.29
C THR A 6 8.58 8.87 9.99
N GLN A 7 9.41 9.90 9.95
CA GLN A 7 10.21 10.23 8.82
C GLN A 7 11.18 9.12 8.52
N VAL A 8 11.21 8.70 7.27
CA VAL A 8 12.28 7.81 6.79
C VAL A 8 13.36 8.59 6.03
N SER A 9 12.96 9.55 5.18
CA SER A 9 13.90 10.37 4.42
C SER A 9 13.19 11.58 3.89
N GLY A 10 13.64 12.77 4.26
CA GLY A 10 13.05 14.00 3.73
C GLY A 10 11.54 14.05 3.92
N PRO A 11 10.79 14.24 2.82
CA PRO A 11 9.33 14.34 2.91
C PRO A 11 8.62 12.99 2.98
N VAL A 12 9.38 11.89 2.98
CA VAL A 12 8.83 10.54 2.96
C VAL A 12 8.79 9.96 4.36
N TYR A 13 7.57 9.61 4.79
CA TYR A 13 7.26 9.08 6.12
C TYR A 13 6.61 7.73 6.03
N VAL A 14 6.83 6.92 7.06
CA VAL A 14 6.21 5.60 7.16
C VAL A 14 5.15 5.61 8.26
N VAL A 15 4.01 5.01 7.95
CA VAL A 15 2.92 4.79 8.87
C VAL A 15 3.02 3.36 9.36
N GLU A 16 3.19 3.15 10.65
CA GLU A 16 3.01 1.82 11.25
C GLU A 16 1.63 1.81 11.90
N ASP A 17 0.73 1.08 11.29
CA ASP A 17 -0.66 0.97 11.69
C ASP A 17 -0.81 -0.36 12.42
N ASN A 18 -0.85 -0.30 13.76
CA ASN A 18 -0.85 -1.49 14.59
C ASN A 18 -2.24 -2.03 14.87
N TYR A 19 -3.26 -1.41 14.27
CA TYR A 19 -4.60 -1.94 14.34
C TYR A 19 -4.69 -3.26 13.59
N TYR A 20 -5.47 -4.18 14.14
CA TYR A 20 -5.73 -5.48 13.53
C TYR A 20 -4.39 -6.19 13.35
N VAL A 21 -4.02 -6.61 12.16
CA VAL A 21 -2.67 -7.13 11.91
C VAL A 21 -1.86 -5.93 11.38
N GLN A 22 -0.68 -5.69 11.96
CA GLN A 22 0.09 -4.52 11.60
C GLN A 22 0.24 -4.39 10.08
N GLU A 23 -0.04 -3.20 9.57
CA GLU A 23 0.20 -2.87 8.18
C GLU A 23 0.97 -1.57 8.16
N ASN A 24 1.91 -1.45 7.23
CA ASN A 24 2.68 -0.23 7.06
C ASN A 24 2.30 0.41 5.74
N SER A 25 2.11 1.72 5.81
CA SER A 25 1.73 2.58 4.70
C SER A 25 2.70 3.77 4.63
N MET A 26 2.52 4.65 3.65
CA MET A 26 3.45 5.79 3.47
C MET A 26 2.70 7.11 3.42
N VAL A 27 3.40 8.18 3.77
CA VAL A 27 2.92 9.54 3.57
C VAL A 27 4.02 10.37 2.94
N TYR A 28 3.67 11.18 1.96
CA TYR A 28 4.61 12.10 1.32
C TYR A 28 4.10 13.52 1.52
N PHE A 29 4.92 14.34 2.15
CA PHE A 29 4.59 15.74 2.40
C PHE A 29 5.15 16.61 1.31
N GLY A 30 4.30 16.97 0.34
CA GLY A 30 4.71 17.77 -0.80
C GLY A 30 4.43 19.24 -0.69
N ALA A 31 4.76 19.97 -1.75
CA ALA A 31 4.66 21.43 -1.74
C ALA A 31 3.22 21.90 -1.67
N LYS A 32 2.33 21.23 -2.39
CA LYS A 32 0.92 21.64 -2.44
C LYS A 32 0.07 20.90 -1.41
N GLY A 33 0.59 19.81 -0.88
CA GLY A 33 -0.20 18.98 -0.01
C GLY A 33 0.36 17.60 0.11
N VAL A 34 -0.42 16.76 0.78
CA VAL A 34 -0.01 15.45 1.27
C VAL A 34 -0.57 14.34 0.40
N THR A 35 0.28 13.35 0.08
CA THR A 35 -0.13 12.13 -0.60
C THR A 35 0.03 10.97 0.36
N VAL A 36 -1.03 10.20 0.54
CA VAL A 36 -1.01 9.00 1.39
C VAL A 36 -0.95 7.79 0.47
N VAL A 37 -0.10 6.83 0.80
CA VAL A 37 0.04 5.63 -0.01
C VAL A 37 -0.38 4.47 0.88
N GLY A 38 -1.57 3.94 0.59
CA GLY A 38 -2.23 2.96 1.44
C GLY A 38 -3.25 3.65 2.32
N ALA A 39 -4.53 3.32 2.18
CA ALA A 39 -5.61 4.02 2.89
C ALA A 39 -5.76 3.66 4.36
N THR A 40 -5.05 2.61 4.78
CA THR A 40 -5.16 1.99 6.10
C THR A 40 -6.43 1.14 6.24
N TRP A 41 -6.53 0.42 7.35
CA TRP A 41 -7.53 -0.62 7.53
C TRP A 41 -9.00 -0.17 7.51
N THR A 42 -9.32 0.92 8.21
CA THR A 42 -10.72 1.31 8.34
C THR A 42 -10.88 2.83 8.30
N PRO A 43 -12.11 3.34 8.19
CA PRO A 43 -12.28 4.78 8.30
C PRO A 43 -11.75 5.32 9.63
N ASP A 44 -11.85 4.57 10.71
CA ASP A 44 -11.29 4.99 11.99
C ASP A 44 -9.76 5.06 11.96
N THR A 45 -9.09 4.05 11.40
CA THR A 45 -7.64 4.13 11.34
C THR A 45 -7.21 5.27 10.41
N ALA A 46 -7.97 5.53 9.35
CA ALA A 46 -7.65 6.65 8.47
C ALA A 46 -7.74 7.95 9.25
N ARG A 47 -8.77 8.10 10.08
CA ARG A 47 -8.94 9.30 10.89
C ARG A 47 -7.74 9.44 11.87
N GLU A 48 -7.31 8.33 12.44
CA GLU A 48 -6.12 8.35 13.30
C GLU A 48 -4.85 8.79 12.55
N LEU A 49 -4.69 8.32 11.32
CA LEU A 49 -3.58 8.80 10.50
C LEU A 49 -3.71 10.28 10.21
N HIS A 50 -4.92 10.73 9.92
CA HIS A 50 -5.11 12.14 9.61
C HIS A 50 -4.75 13.01 10.81
N LYS A 51 -5.09 12.54 12.01
CA LYS A 51 -4.72 13.26 13.21
C LYS A 51 -3.20 13.45 13.31
N LEU A 52 -2.45 12.41 12.98
CA LEU A 52 -0.99 12.49 13.03
C LEU A 52 -0.48 13.43 11.94
N ILE A 53 -1.09 13.38 10.77
CA ILE A 53 -0.72 14.28 9.69
C ILE A 53 -0.88 15.75 10.07
N LYS A 54 -1.99 16.06 10.74
CA LYS A 54 -2.28 17.45 11.15
C LYS A 54 -1.32 17.98 12.19
N ARG A 55 -0.65 17.08 12.92
CA ARG A 55 0.39 17.52 13.84
C ARG A 55 1.70 17.87 13.12
N VAL A 56 1.85 17.47 11.87
CA VAL A 56 3.08 17.65 11.05
C VAL A 56 2.88 18.80 10.03
N SER A 57 1.68 18.93 9.46
CA SER A 57 1.43 19.83 8.33
C SER A 57 0.02 20.36 8.35
N ARG A 58 -0.14 21.62 7.96
CA ARG A 58 -1.46 22.18 7.74
C ARG A 58 -1.95 22.02 6.30
N LYS A 59 -1.12 21.47 5.42
CA LYS A 59 -1.50 21.37 4.01
C LYS A 59 -2.54 20.28 3.79
N PRO A 60 -3.35 20.43 2.74
CA PRO A 60 -4.42 19.48 2.54
C PRO A 60 -3.91 18.09 2.18
N VAL A 61 -4.68 17.09 2.58
CA VAL A 61 -4.49 15.73 2.07
C VAL A 61 -5.12 15.68 0.67
N LEU A 62 -4.26 15.61 -0.32
CA LEU A 62 -4.66 15.70 -1.72
C LEU A 62 -5.25 14.41 -2.24
N GLU A 63 -4.61 13.29 -1.92
CA GLU A 63 -4.94 12.02 -2.52
C GLU A 63 -4.37 10.89 -1.69
N VAL A 64 -5.05 9.76 -1.81
CA VAL A 64 -4.71 8.51 -1.15
C VAL A 64 -4.69 7.42 -2.21
N ILE A 65 -3.62 6.65 -2.27
CA ILE A 65 -3.48 5.57 -3.25
C ILE A 65 -3.86 4.23 -2.65
N ASN A 66 -4.76 3.52 -3.32
CA ASN A 66 -5.05 2.12 -3.00
C ASN A 66 -4.09 1.28 -3.83
N THR A 67 -3.07 0.70 -3.19
CA THR A 67 -2.06 -0.06 -3.89
C THR A 67 -2.55 -1.47 -4.28
N ASN A 68 -3.68 -1.89 -3.70
CA ASN A 68 -4.45 -3.02 -4.19
C ASN A 68 -5.89 -2.83 -3.71
N TYR A 69 -6.77 -3.78 -4.04
CA TYR A 69 -8.19 -3.66 -3.71
C TYR A 69 -8.54 -4.19 -2.32
N HIS A 70 -7.56 -4.64 -1.54
CA HIS A 70 -7.81 -5.27 -0.25
C HIS A 70 -8.10 -4.30 0.88
N THR A 71 -8.68 -4.83 1.94
CA THR A 71 -9.08 -4.04 3.10
C THR A 71 -7.95 -3.29 3.79
N ASP A 72 -6.75 -3.85 3.83
CA ASP A 72 -5.65 -3.13 4.47
C ASP A 72 -5.11 -1.99 3.67
N ARG A 73 -5.44 -1.90 2.38
CA ARG A 73 -4.99 -0.81 1.50
C ARG A 73 -6.09 0.13 1.07
N ALA A 74 -7.36 -0.25 1.28
CA ALA A 74 -8.51 0.53 0.85
C ALA A 74 -9.57 0.75 1.91
N GLY A 75 -9.44 0.13 3.09
CA GLY A 75 -10.46 0.26 4.09
C GLY A 75 -10.75 1.66 4.59
N GLY A 76 -9.72 2.50 4.56
CA GLY A 76 -9.91 3.88 5.00
C GLY A 76 -10.63 4.79 4.01
N ASN A 77 -10.95 4.29 2.81
CA ASN A 77 -11.47 5.13 1.73
C ASN A 77 -12.63 6.05 2.12
N ALA A 78 -13.59 5.54 2.87
CA ALA A 78 -14.75 6.38 3.21
C ALA A 78 -14.31 7.66 3.91
N TYR A 79 -13.34 7.56 4.81
CA TYR A 79 -12.86 8.72 5.53
C TYR A 79 -12.15 9.70 4.59
N TRP A 80 -11.27 9.16 3.75
CA TRP A 80 -10.52 10.02 2.83
C TRP A 80 -11.47 10.77 1.88
N LYS A 81 -12.46 10.09 1.32
CA LYS A 81 -13.45 10.78 0.49
C LYS A 81 -14.14 11.86 1.30
N SER A 82 -14.47 11.56 2.56
CA SER A 82 -15.26 12.50 3.37
C SER A 82 -14.55 13.82 3.61
N ILE A 83 -13.21 13.81 3.59
CA ILE A 83 -12.43 15.04 3.75
C ILE A 83 -12.01 15.66 2.40
N GLY A 84 -12.51 15.10 1.31
CA GLY A 84 -12.26 15.68 -0.01
C GLY A 84 -10.95 15.25 -0.63
N ALA A 85 -10.27 14.26 -0.08
CA ALA A 85 -9.09 13.69 -0.71
C ALA A 85 -9.54 12.79 -1.86
N LYS A 86 -8.80 12.83 -2.95
CA LYS A 86 -8.99 11.87 -4.06
C LYS A 86 -8.57 10.49 -3.61
N VAL A 87 -9.25 9.46 -4.10
CA VAL A 87 -8.85 8.09 -3.85
C VAL A 87 -8.42 7.54 -5.21
N VAL A 88 -7.17 7.14 -5.29
CA VAL A 88 -6.49 6.86 -6.55
C VAL A 88 -6.11 5.40 -6.67
N SER A 89 -6.32 4.81 -7.84
CA SER A 89 -5.86 3.44 -8.10
C SER A 89 -5.69 3.23 -9.59
N THR A 90 -5.17 2.07 -9.95
CA THR A 90 -5.27 1.61 -11.33
C THR A 90 -6.68 1.17 -11.64
N ARG A 91 -6.98 1.09 -12.93
CA ARG A 91 -8.28 0.56 -13.35
C ARG A 91 -8.48 -0.87 -12.89
N GLN A 92 -7.45 -1.68 -13.03
CA GLN A 92 -7.53 -3.06 -12.60
C GLN A 92 -7.90 -3.15 -11.13
N THR A 93 -7.25 -2.37 -10.28
CA THR A 93 -7.58 -2.36 -8.85
C THR A 93 -9.02 -1.94 -8.62
N ARG A 94 -9.46 -0.91 -9.31
CA ARG A 94 -10.83 -0.44 -9.14
C ARG A 94 -11.83 -1.50 -9.60
N ASP A 95 -11.58 -2.14 -10.73
CA ASP A 95 -12.48 -3.18 -11.25
C ASP A 95 -12.53 -4.36 -10.26
N LEU A 96 -11.40 -4.79 -9.75
CA LEU A 96 -11.40 -5.91 -8.80
C LEU A 96 -12.09 -5.49 -7.51
N MET A 97 -11.93 -4.25 -7.09
CA MET A 97 -12.61 -3.79 -5.88
C MET A 97 -14.13 -3.86 -6.07
N LYS A 98 -14.61 -3.41 -7.22
CA LYS A 98 -16.05 -3.43 -7.50
C LYS A 98 -16.58 -4.86 -7.41
N SER A 99 -15.89 -5.81 -8.03
CA SER A 99 -16.42 -7.16 -8.09
C SER A 99 -16.19 -7.94 -6.80
N ASP A 100 -15.11 -7.67 -6.08
CA ASP A 100 -14.65 -8.56 -5.04
C ASP A 100 -14.60 -7.95 -3.65
N TRP A 101 -14.99 -6.68 -3.47
CA TRP A 101 -14.91 -6.08 -2.15
C TRP A 101 -15.67 -6.87 -1.09
N ALA A 102 -16.90 -7.26 -1.39
CA ALA A 102 -17.67 -8.02 -0.41
C ALA A 102 -16.93 -9.28 0.02
N GLU A 103 -16.33 -9.97 -0.94
CA GLU A 103 -15.58 -11.18 -0.67
C GLU A 103 -14.36 -10.89 0.21
N ILE A 104 -13.64 -9.80 -0.06
CA ILE A 104 -12.45 -9.51 0.76
C ILE A 104 -12.84 -9.05 2.17
N VAL A 105 -13.93 -8.31 2.28
CA VAL A 105 -14.41 -7.92 3.61
C VAL A 105 -14.79 -9.21 4.39
N ALA A 106 -15.47 -10.16 3.74
CA ALA A 106 -15.83 -11.40 4.41
C ALA A 106 -14.57 -12.18 4.86
N PHE A 107 -13.58 -12.24 3.99
CA PHE A 107 -12.36 -12.96 4.28
C PHE A 107 -11.65 -12.29 5.46
N THR A 108 -11.66 -10.95 5.47
CA THR A 108 -11.00 -10.20 6.52
C THR A 108 -11.67 -10.49 7.86
N ARG A 109 -13.01 -10.51 7.84
CA ARG A 109 -13.78 -10.75 9.06
C ARG A 109 -13.71 -12.20 9.55
N LYS A 110 -13.39 -13.14 8.68
CA LYS A 110 -13.12 -14.52 9.12
C LYS A 110 -11.91 -14.51 10.07
N GLY A 111 -10.85 -13.79 9.71
CA GLY A 111 -9.67 -13.70 10.58
C GLY A 111 -9.79 -12.71 11.73
N LEU A 112 -10.58 -11.67 11.49
CA LEU A 112 -10.74 -10.52 12.38
C LEU A 112 -12.24 -10.25 12.57
N PRO A 113 -12.91 -11.05 13.42
CA PRO A 113 -14.35 -10.87 13.53
C PRO A 113 -14.77 -9.46 13.97
N GLU A 114 -13.90 -8.80 14.72
CA GLU A 114 -14.10 -7.42 15.17
C GLU A 114 -14.04 -6.40 14.04
N TYR A 115 -13.55 -6.79 12.87
CA TYR A 115 -13.40 -5.84 11.76
C TYR A 115 -14.77 -5.44 11.21
N PRO A 116 -14.99 -4.16 10.91
CA PRO A 116 -16.33 -3.72 10.46
C PRO A 116 -16.75 -4.22 9.07
N ASP A 117 -18.06 -4.34 8.88
CA ASP A 117 -18.61 -4.74 7.58
C ASP A 117 -18.71 -3.50 6.72
N LEU A 118 -17.59 -3.11 6.15
CA LEU A 118 -17.48 -1.84 5.44
C LEU A 118 -18.14 -1.82 4.06
N PRO A 119 -18.95 -0.81 3.78
CA PRO A 119 -19.47 -0.69 2.42
C PRO A 119 -18.35 -0.35 1.43
N LEU A 120 -18.59 -0.76 0.19
CA LEU A 120 -17.69 -0.43 -0.92
C LEU A 120 -17.57 1.07 -1.11
N VAL A 121 -16.32 1.52 -1.20
CA VAL A 121 -15.98 2.90 -1.54
C VAL A 121 -14.88 2.84 -2.60
N LEU A 122 -15.26 3.14 -3.83
CA LEU A 122 -14.37 3.01 -4.97
C LEU A 122 -13.45 4.22 -5.15
N PRO A 123 -12.26 3.98 -5.71
CA PRO A 123 -11.44 5.11 -6.16
C PRO A 123 -12.21 6.01 -7.10
N ASN A 124 -11.96 7.33 -7.01
CA ASN A 124 -12.53 8.29 -7.93
C ASN A 124 -11.52 8.89 -8.89
N VAL A 125 -10.27 8.47 -8.80
CA VAL A 125 -9.26 8.81 -9.82
C VAL A 125 -8.60 7.50 -10.21
N VAL A 126 -8.81 7.09 -11.45
CA VAL A 126 -8.43 5.75 -11.91
C VAL A 126 -7.50 5.91 -13.10
N HIS A 127 -6.36 5.23 -13.05
CA HIS A 127 -5.34 5.32 -14.08
C HIS A 127 -5.26 4.04 -14.90
N ASP A 128 -5.12 4.19 -16.20
CA ASP A 128 -4.98 3.03 -17.08
C ASP A 128 -3.59 2.48 -17.19
N GLY A 129 -2.61 3.25 -16.76
CA GLY A 129 -1.24 2.81 -16.81
C GLY A 129 -0.51 3.15 -15.54
N ASP A 130 0.79 3.22 -15.65
CA ASP A 130 1.61 3.73 -14.56
C ASP A 130 1.32 5.21 -14.41
N PHE A 131 1.56 5.74 -13.22
CA PHE A 131 1.26 7.15 -12.97
C PHE A 131 2.13 7.74 -11.92
N THR A 132 2.24 9.06 -11.94
CA THR A 132 3.03 9.77 -10.95
C THR A 132 2.22 10.87 -10.28
N LEU A 133 2.70 11.24 -9.10
CA LEU A 133 2.14 12.31 -8.31
C LEU A 133 3.27 13.20 -7.80
N GLN A 134 2.94 14.34 -7.21
CA GLN A 134 3.94 15.18 -6.54
C GLN A 134 5.10 15.57 -7.47
N GLU A 135 4.74 16.09 -8.64
CA GLU A 135 5.72 16.57 -9.60
C GLU A 135 6.74 15.48 -9.96
N GLY A 136 6.24 14.25 -10.08
CA GLY A 136 7.05 13.12 -10.47
C GLY A 136 7.86 12.47 -9.36
N LYS A 137 7.63 12.89 -8.11
CA LYS A 137 8.45 12.39 -7.01
C LYS A 137 7.81 11.21 -6.28
N VAL A 138 6.58 10.85 -6.67
CA VAL A 138 5.91 9.64 -6.19
C VAL A 138 5.49 8.89 -7.45
N ARG A 139 6.02 7.71 -7.67
CA ARG A 139 5.91 7.03 -8.98
C ARG A 139 5.33 5.64 -8.80
N ALA A 140 4.10 5.45 -9.28
CA ALA A 140 3.37 4.21 -9.11
C ALA A 140 3.46 3.37 -10.37
N PHE A 141 3.69 2.08 -10.23
CA PHE A 141 3.80 1.22 -11.39
C PHE A 141 3.38 -0.22 -11.12
N TYR A 142 2.97 -0.87 -12.19
CA TYR A 142 2.59 -2.28 -12.23
C TYR A 142 3.73 -3.07 -12.84
N ALA A 143 4.12 -4.17 -12.20
CA ALA A 143 5.15 -5.06 -12.72
C ALA A 143 4.71 -6.52 -12.73
N GLY A 144 3.40 -6.75 -12.66
CA GLY A 144 2.84 -8.09 -12.72
C GLY A 144 2.16 -8.50 -11.44
N PRO A 145 1.54 -9.68 -11.45
CA PRO A 145 0.79 -10.19 -10.30
C PRO A 145 1.71 -10.78 -9.24
N ALA A 146 1.25 -10.76 -8.00
CA ALA A 146 2.06 -11.30 -6.92
C ALA A 146 1.10 -11.68 -5.78
N HIS A 147 1.07 -10.89 -4.71
CA HIS A 147 0.19 -11.15 -3.56
C HIS A 147 -1.29 -11.07 -3.96
N THR A 148 -1.59 -10.16 -4.89
CA THR A 148 -2.86 -10.11 -5.62
C THR A 148 -2.55 -9.90 -7.10
N PRO A 149 -3.56 -9.96 -7.97
CA PRO A 149 -3.24 -9.76 -9.37
C PRO A 149 -2.82 -8.34 -9.72
N ASP A 150 -3.27 -7.39 -8.90
CA ASP A 150 -3.26 -5.95 -9.21
C ASP A 150 -2.27 -5.10 -8.45
N GLY A 151 -1.59 -5.67 -7.44
CA GLY A 151 -0.83 -4.80 -6.54
C GLY A 151 0.24 -4.01 -7.27
N ILE A 152 0.35 -2.74 -6.94
CA ILE A 152 1.33 -1.87 -7.54
C ILE A 152 2.43 -1.49 -6.55
N PHE A 153 3.55 -1.07 -7.11
CA PHE A 153 4.68 -0.52 -6.37
C PHE A 153 4.62 0.98 -6.44
N VAL A 154 5.18 1.62 -5.43
CA VAL A 154 5.34 3.08 -5.42
C VAL A 154 6.77 3.42 -5.03
N TYR A 155 7.43 4.16 -5.92
CA TYR A 155 8.86 4.49 -5.80
C TYR A 155 9.02 5.99 -5.61
N PHE A 156 9.95 6.35 -4.72
CA PHE A 156 10.24 7.73 -4.40
C PHE A 156 11.68 7.95 -4.84
N PRO A 157 11.89 8.50 -6.05
CA PRO A 157 13.25 8.55 -6.60
C PRO A 157 14.23 9.43 -5.83
N ASP A 158 13.77 10.55 -5.28
CA ASP A 158 14.71 11.45 -4.58
C ASP A 158 15.30 10.76 -3.36
N GLU A 159 14.50 9.98 -2.67
CA GLU A 159 14.89 9.34 -1.41
C GLU A 159 15.34 7.89 -1.59
N GLN A 160 15.17 7.37 -2.80
CA GLN A 160 15.49 5.98 -3.13
C GLN A 160 14.80 5.00 -2.19
N VAL A 161 13.50 5.24 -2.03
CA VAL A 161 12.63 4.40 -1.22
C VAL A 161 11.64 3.69 -2.12
N LEU A 162 11.47 2.39 -1.92
CA LEU A 162 10.48 1.58 -2.64
C LEU A 162 9.47 1.05 -1.64
N TYR A 163 8.18 1.25 -1.96
CA TYR A 163 7.09 0.66 -1.24
C TYR A 163 6.37 -0.32 -2.14
N GLY A 164 6.05 -1.51 -1.63
CA GLY A 164 5.33 -2.49 -2.41
C GLY A 164 4.00 -2.89 -1.79
N GLY A 165 3.51 -2.14 -0.80
CA GLY A 165 2.30 -2.54 -0.12
C GLY A 165 2.45 -3.94 0.42
N CYS A 166 1.45 -4.76 0.16
CA CYS A 166 1.45 -6.13 0.63
C CYS A 166 2.47 -7.07 -0.04
N ILE A 167 3.16 -6.62 -1.08
CA ILE A 167 4.02 -7.49 -1.86
C ILE A 167 5.30 -7.85 -1.11
N LEU A 168 5.84 -6.89 -0.36
CA LEU A 168 7.16 -7.03 0.27
C LEU A 168 7.01 -6.99 1.76
N LYS A 169 7.62 -7.95 2.45
CA LYS A 169 7.39 -8.18 3.88
C LYS A 169 8.36 -9.28 4.32
N GLU A 170 8.36 -9.60 5.61
CA GLU A 170 9.34 -10.54 6.18
C GLU A 170 8.87 -11.97 6.22
N LYS A 171 7.59 -12.18 6.49
CA LYS A 171 7.04 -13.53 6.54
C LYS A 171 6.15 -13.78 5.33
N LEU A 172 5.96 -15.06 4.99
CA LEU A 172 5.14 -15.42 3.82
C LEU A 172 3.78 -14.70 3.78
N GLY A 173 3.08 -14.67 4.89
CA GLY A 173 1.83 -13.94 4.98
C GLY A 173 0.70 -14.59 4.18
N ASN A 174 -0.21 -13.76 3.68
CA ASN A 174 -1.42 -14.24 3.05
C ASN A 174 -1.12 -14.69 1.63
N LEU A 175 -1.35 -15.97 1.35
CA LEU A 175 -1.19 -16.51 -0.01
C LEU A 175 -2.53 -16.82 -0.67
N SER A 176 -3.64 -16.55 0.01
CA SER A 176 -4.96 -16.96 -0.48
C SER A 176 -5.37 -16.34 -1.81
N PHE A 177 -4.83 -15.16 -2.12
CA PHE A 177 -5.12 -14.45 -3.37
C PHE A 177 -3.92 -14.38 -4.31
N ALA A 178 -2.84 -15.05 -3.91
CA ALA A 178 -1.55 -14.91 -4.57
C ALA A 178 -1.42 -15.79 -5.79
N ASP A 179 -0.60 -15.30 -6.73
CA ASP A 179 -0.18 -16.08 -7.87
C ASP A 179 1.24 -16.53 -7.51
N VAL A 180 1.34 -17.70 -6.90
CA VAL A 180 2.59 -18.12 -6.29
C VAL A 180 3.71 -18.27 -7.33
N LYS A 181 3.43 -18.88 -8.49
CA LYS A 181 4.45 -19.01 -9.53
C LYS A 181 4.80 -17.67 -10.16
N ALA A 182 3.85 -16.76 -10.33
CA ALA A 182 4.20 -15.47 -10.92
C ALA A 182 4.92 -14.53 -9.95
N TYR A 183 4.72 -14.71 -8.65
CA TYR A 183 5.26 -13.80 -7.64
C TYR A 183 6.76 -13.52 -7.84
N PRO A 184 7.60 -14.58 -7.94
CA PRO A 184 9.03 -14.27 -8.12
C PRO A 184 9.34 -13.66 -9.49
N GLN A 185 8.51 -13.98 -10.49
CA GLN A 185 8.68 -13.38 -11.79
C GLN A 185 8.40 -11.87 -11.75
N THR A 186 7.41 -11.48 -10.97
CA THR A 186 7.17 -10.06 -10.71
C THR A 186 8.33 -9.41 -9.96
N LEU A 187 8.84 -10.08 -8.93
CA LEU A 187 9.98 -9.54 -8.23
C LEU A 187 11.21 -9.40 -9.10
N GLU A 188 11.40 -10.34 -10.02
CA GLU A 188 12.51 -10.24 -10.97
C GLU A 188 12.28 -9.13 -12.02
N ARG A 189 11.04 -8.95 -12.47
CA ARG A 189 10.75 -7.83 -13.35
C ARG A 189 11.07 -6.51 -12.63
N LEU A 190 10.72 -6.43 -11.35
CA LEU A 190 11.03 -5.25 -10.52
C LEU A 190 12.54 -5.01 -10.46
N LYS A 191 13.29 -6.05 -10.10
CA LYS A 191 14.74 -5.90 -9.97
C LYS A 191 15.38 -5.51 -11.29
N ALA A 192 14.84 -6.00 -12.41
CA ALA A 192 15.42 -5.71 -13.69
C ALA A 192 15.28 -4.25 -14.10
N MET A 193 14.38 -3.53 -13.44
CA MET A 193 14.26 -2.08 -13.67
C MET A 193 15.47 -1.31 -13.18
N LYS A 194 16.27 -1.93 -12.30
CA LYS A 194 17.49 -1.31 -11.76
C LYS A 194 17.24 0.07 -11.15
N LEU A 195 16.15 0.18 -10.41
CA LEU A 195 15.88 1.42 -9.70
C LEU A 195 16.91 1.59 -8.59
N PRO A 196 17.45 2.81 -8.42
CA PRO A 196 18.28 3.05 -7.24
C PRO A 196 17.45 2.95 -5.96
N ILE A 197 17.78 1.98 -5.13
CA ILE A 197 17.01 1.71 -3.93
C ILE A 197 17.95 1.61 -2.75
N LYS A 198 17.76 2.47 -1.77
CA LYS A 198 18.41 2.40 -0.46
C LYS A 198 17.52 1.72 0.58
N THR A 199 16.22 1.94 0.47
CA THR A 199 15.27 1.52 1.50
C THR A 199 14.06 0.88 0.84
N VAL A 200 13.68 -0.30 1.32
CA VAL A 200 12.41 -0.92 1.00
C VAL A 200 11.54 -0.87 2.25
N ILE A 201 10.31 -0.38 2.11
CA ILE A 201 9.35 -0.39 3.19
C ILE A 201 8.42 -1.59 3.03
N GLY A 202 8.52 -2.53 3.93
CA GLY A 202 7.65 -3.70 3.90
C GLY A 202 6.26 -3.29 4.33
N GLY A 203 5.24 -3.91 3.73
CA GLY A 203 3.85 -3.56 4.01
C GLY A 203 3.25 -4.24 5.23
N HIS A 204 3.96 -5.23 5.75
CA HIS A 204 3.62 -5.94 6.98
C HIS A 204 4.93 -6.23 7.67
N ASP A 205 4.85 -6.72 8.90
CA ASP A 205 6.05 -6.92 9.74
C ASP A 205 6.77 -5.60 9.95
N SER A 206 8.03 -5.60 10.33
CA SER A 206 8.73 -4.35 10.59
C SER A 206 9.05 -3.66 9.28
N PRO A 207 8.74 -2.36 9.15
CA PRO A 207 8.81 -1.75 7.81
C PRO A 207 10.21 -1.51 7.23
N LEU A 208 11.17 -1.12 8.07
CA LEU A 208 12.42 -0.54 7.56
C LEU A 208 13.41 -1.62 7.15
N HIS A 209 13.69 -1.72 5.85
CA HIS A 209 14.64 -2.67 5.30
C HIS A 209 15.46 -2.04 4.18
N GLY A 210 16.50 -2.75 3.76
CA GLY A 210 17.21 -2.40 2.55
C GLY A 210 16.66 -3.15 1.34
N PRO A 211 17.36 -3.02 0.19
CA PRO A 211 16.89 -3.66 -1.03
C PRO A 211 16.75 -5.17 -0.94
N GLU A 212 17.49 -5.78 -0.02
CA GLU A 212 17.50 -7.21 0.14
C GLU A 212 16.18 -7.80 0.62
N LEU A 213 15.26 -6.98 1.13
CA LEU A 213 13.92 -7.52 1.45
C LEU A 213 13.28 -8.14 0.21
N ILE A 214 13.57 -7.60 -0.96
CA ILE A 214 13.02 -8.17 -2.20
C ILE A 214 13.52 -9.61 -2.35
N ASP A 215 14.83 -9.80 -2.22
CA ASP A 215 15.44 -11.13 -2.34
C ASP A 215 15.00 -12.07 -1.24
N HIS A 216 14.83 -11.53 -0.04
CA HIS A 216 14.35 -12.31 1.08
C HIS A 216 12.98 -12.90 0.80
N TYR A 217 12.04 -12.06 0.38
CA TYR A 217 10.70 -12.57 0.11
C TYR A 217 10.71 -13.48 -1.10
N GLU A 218 11.50 -13.15 -2.11
CA GLU A 218 11.58 -13.98 -3.30
C GLU A 218 11.96 -15.42 -2.94
N ALA A 219 12.95 -15.58 -2.06
CA ALA A 219 13.37 -16.90 -1.67
C ALA A 219 12.27 -17.63 -0.90
N LEU A 220 11.57 -16.91 -0.03
CA LEU A 220 10.47 -17.55 0.72
C LEU A 220 9.36 -18.05 -0.21
N ILE A 221 8.94 -17.23 -1.17
CA ILE A 221 7.80 -17.59 -2.02
C ILE A 221 8.16 -18.69 -3.01
N LYS A 222 9.44 -18.78 -3.37
CA LYS A 222 9.89 -19.88 -4.24
C LYS A 222 9.91 -21.23 -3.54
N ALA A 223 9.86 -21.25 -2.19
CA ALA A 223 9.73 -22.50 -1.43
C ALA A 223 8.29 -22.80 -0.97
N ALA A 224 7.35 -21.88 -1.23
CA ALA A 224 5.99 -21.98 -0.71
C ALA A 224 5.15 -23.04 -1.45
N PRO A 225 4.04 -23.49 -0.83
CA PRO A 225 3.13 -24.38 -1.56
C PRO A 225 2.64 -23.74 -2.85
N GLN A 226 2.55 -24.56 -3.91
CA GLN A 226 2.16 -24.13 -5.26
C GLN A 226 3.26 -23.39 -6.03
N SER A 227 4.48 -23.35 -5.51
CA SER A 227 5.59 -22.70 -6.21
C SER A 227 6.08 -23.57 -7.38
#